data_8ZFS
#
_entry.id   8ZFS
#
_cell.length_a   92.417
_cell.length_b   61.630
_cell.length_c   119.549
_cell.angle_alpha   90.000
_cell.angle_beta   102.190
_cell.angle_gamma   90.000
#
_symmetry.space_group_name_H-M   'C 1 2 1'
#
loop_
_entity.id
_entity.type
_entity.pdbx_description
1 polymer 'Peroxisome proliferator-activated receptor gamma'
2 non-polymer 2-chloro-5-nitro-N-(pyridin-4-yl)benzamide
3 non-polymer '(2S)-2-(3-{[1-(4-METHOXYBENZOYL)-2-METHYL-5-(TRIFLUOROMETHOXY)-1H-INDOL-3-YL]METHYL}PHENOXY)PROPANOIC ACID'
4 water water
#
_entity_poly.entity_id   1
_entity_poly.type   'polypeptide(L)'
_entity_poly.pdbx_seq_one_letter_code
;QLNPESADLRALAKHLYDSYIKSFPLTKAKARAILTGKTTDKSPFVIYDMNSLMMGEDKIKFKHITPLQEQSKEVAIRIF
QGCQFRSVEAVQEITEYAKSIPGFVNLDLNDQVTLLKYGVHEIIYTMLASLMNKDGVLISEGQGFMTREFLKSLRKPFGD
FMEPKFEFAVKFNALELDDSDLAIFIAVIILSGDRPGLLNVKPIEDIQDNLLQALELQLKLNHPESSQLFAKLLQKMTDL
RQIVTEHVQLLQVIKKTETDMSLHPLLQEIYKDLY
;
_entity_poly.pdbx_strand_id   A,B
#
loop_
_chem_comp.id
_chem_comp.type
_chem_comp.name
_chem_comp.formula
241 non-polymer '(2S)-2-(3-{[1-(4-METHOXYBENZOYL)-2-METHYL-5-(TRIFLUOROMETHOXY)-1H-INDOL-3-YL]METHYL}PHENOXY)PROPANOIC ACID' 'C28 H24 F3 N O6'
EEY non-polymer 2-chloro-5-nitro-N-(pyridin-4-yl)benzamide 'C12 H8 Cl N3 O3'
#
# COMPACT_ATOMS: atom_id res chain seq x y z
N GLU A 5 0.94 28.02 9.60
CA GLU A 5 -0.32 28.35 10.25
C GLU A 5 -1.44 27.33 9.94
N SER A 6 -2.15 26.93 11.00
CA SER A 6 -3.37 26.15 10.81
C SER A 6 -4.32 26.87 9.86
N ALA A 7 -4.37 28.20 9.91
CA ALA A 7 -5.31 28.94 9.07
C ALA A 7 -5.03 28.73 7.59
N ASP A 8 -3.77 28.57 7.20
CA ASP A 8 -3.48 28.32 5.79
C ASP A 8 -4.00 26.96 5.37
N LEU A 9 -4.02 26.02 6.32
CA LEU A 9 -4.41 24.66 6.02
C LEU A 9 -5.92 24.54 5.91
N ARG A 10 -6.66 25.11 6.87
CA ARG A 10 -8.11 25.12 6.78
C ARG A 10 -8.56 25.74 5.47
N ALA A 11 -7.86 26.78 5.04
CA ALA A 11 -8.21 27.44 3.79
C ALA A 11 -8.03 26.49 2.62
N LEU A 12 -6.98 25.67 2.68
CA LEU A 12 -6.75 24.69 1.63
C LEU A 12 -7.77 23.56 1.70
N ALA A 13 -8.12 23.13 2.91
CA ALA A 13 -9.15 22.12 3.07
C ALA A 13 -10.48 22.61 2.49
N LYS A 14 -10.83 23.87 2.75
CA LYS A 14 -12.07 24.42 2.24
C LYS A 14 -12.05 24.51 0.72
N HIS A 15 -10.94 24.99 0.14
CA HIS A 15 -10.86 25.11 -1.30
C HIS A 15 -11.07 23.77 -1.97
N LEU A 16 -10.47 22.72 -1.39
CA LEU A 16 -10.59 21.39 -1.97
C LEU A 16 -12.00 20.83 -1.84
N TYR A 17 -12.59 20.96 -0.65
CA TYR A 17 -13.99 20.56 -0.50
C TYR A 17 -14.84 21.26 -1.54
N ASP A 18 -14.60 22.55 -1.70
CA ASP A 18 -15.40 23.36 -2.62
C ASP A 18 -15.29 22.83 -4.07
N SER A 19 -14.09 22.46 -4.51
CA SER A 19 -13.96 21.90 -5.85
C SER A 19 -14.55 20.50 -5.92
N TYR A 20 -14.37 19.72 -4.84
CA TYR A 20 -14.92 18.37 -4.80
C TYR A 20 -16.43 18.40 -5.02
N ILE A 21 -17.13 19.28 -4.29
CA ILE A 21 -18.56 19.45 -4.48
C ILE A 21 -18.86 19.85 -5.92
N LYS A 22 -18.00 20.67 -6.51
CA LYS A 22 -18.26 21.11 -7.85
C LYS A 22 -17.96 20.03 -8.89
N SER A 23 -17.03 19.12 -8.61
CA SER A 23 -16.60 18.18 -9.66
C SER A 23 -17.25 16.81 -9.58
N PHE A 24 -17.77 16.38 -8.41
CA PHE A 24 -18.40 15.06 -8.26
C PHE A 24 -19.86 15.18 -7.84
N PRO A 25 -20.81 14.94 -8.74
CA PRO A 25 -22.21 15.22 -8.40
C PRO A 25 -22.83 14.24 -7.39
N LEU A 26 -22.32 13.02 -7.24
CA LEU A 26 -22.86 12.15 -6.21
C LEU A 26 -21.84 12.02 -5.07
N THR A 27 -21.95 12.93 -4.11
CA THR A 27 -21.14 12.90 -2.89
C THR A 27 -21.48 11.67 -2.05
N LYS A 28 -20.63 11.41 -1.05
CA LYS A 28 -20.96 10.41 -0.04
C LYS A 28 -22.19 10.82 0.75
N ALA A 29 -22.37 12.12 0.99
CA ALA A 29 -23.53 12.60 1.73
C ALA A 29 -24.83 12.26 1.02
N LYS A 30 -24.92 12.59 -0.26
CA LYS A 30 -26.09 12.21 -1.04
C LYS A 30 -26.26 10.70 -1.04
N ALA A 31 -25.16 9.96 -1.08
CA ALA A 31 -25.23 8.51 -1.23
C ALA A 31 -25.64 7.83 0.08
N ARG A 32 -25.14 8.29 1.22
CA ARG A 32 -25.63 7.76 2.49
C ARG A 32 -27.10 8.09 2.69
N ALA A 33 -27.57 9.23 2.19
CA ALA A 33 -28.97 9.55 2.38
C ALA A 33 -29.84 8.60 1.59
N ILE A 34 -29.49 8.34 0.33
CA ILE A 34 -30.26 7.39 -0.46
C ILE A 34 -30.18 5.99 0.16
N LEU A 35 -29.00 5.62 0.64
CA LEU A 35 -28.81 4.26 1.14
C LEU A 35 -29.46 4.01 2.49
N THR A 36 -30.00 5.02 3.17
CA THR A 36 -30.67 4.76 4.43
C THR A 36 -32.18 4.92 4.37
N GLY A 37 -32.70 5.75 3.48
CA GLY A 37 -34.11 6.08 3.45
C GLY A 37 -34.45 7.51 3.81
N LYS A 38 -33.44 8.40 3.85
CA LYS A 38 -33.66 9.80 4.20
C LYS A 38 -34.60 10.47 3.20
N THR A 39 -35.54 11.25 3.71
CA THR A 39 -36.50 11.97 2.88
C THR A 39 -35.90 13.20 2.19
N THR A 40 -34.60 13.46 2.35
CA THR A 40 -33.92 14.38 1.44
C THR A 40 -33.74 13.78 0.04
N ASP A 41 -33.86 12.45 -0.11
CA ASP A 41 -33.73 11.79 -1.41
C ASP A 41 -34.71 10.62 -1.54
N LYS A 42 -35.08 10.31 -2.78
CA LYS A 42 -36.07 9.28 -3.05
C LYS A 42 -35.40 7.92 -3.21
N SER A 43 -36.23 6.85 -3.15
CA SER A 43 -35.69 5.52 -2.90
C SER A 43 -35.35 4.78 -4.20
N PRO A 44 -34.32 3.94 -4.14
CA PRO A 44 -33.82 3.27 -5.35
C PRO A 44 -34.55 1.97 -5.66
N PHE A 45 -34.60 1.68 -6.96
CA PHE A 45 -34.99 0.34 -7.40
C PHE A 45 -33.86 -0.62 -7.12
N VAL A 46 -34.19 -1.75 -6.53
CA VAL A 46 -33.20 -2.76 -6.19
C VAL A 46 -33.17 -3.83 -7.28
N ILE A 47 -31.96 -4.20 -7.72
CA ILE A 47 -31.71 -5.29 -8.65
C ILE A 47 -30.91 -6.33 -7.90
N TYR A 48 -31.45 -7.56 -7.96
CA TYR A 48 -30.92 -8.76 -7.25
C TYR A 48 -31.08 -10.04 -8.07
N ASP A 49 -31.68 -9.98 -9.24
CA ASP A 49 -31.88 -11.09 -10.16
C ASP A 49 -32.11 -10.53 -11.56
N MET A 50 -32.12 -11.45 -12.55
CA MET A 50 -32.27 -11.04 -13.93
C MET A 50 -33.65 -10.46 -14.20
N ASN A 51 -34.66 -10.90 -13.45
CA ASN A 51 -35.99 -10.37 -13.66
C ASN A 51 -36.08 -8.92 -13.18
N SER A 52 -35.63 -8.65 -11.95
CA SER A 52 -35.58 -7.28 -11.49
C SER A 52 -34.72 -6.45 -12.42
N LEU A 53 -33.59 -7.00 -12.82
CA LEU A 53 -32.72 -6.31 -13.76
C LEU A 53 -33.49 -5.81 -14.96
N MET A 54 -34.52 -6.53 -15.40
CA MET A 54 -35.09 -6.28 -16.73
C MET A 54 -36.21 -5.24 -16.74
N MET A 55 -36.92 -5.04 -15.64
CA MET A 55 -37.79 -3.87 -15.61
C MET A 55 -37.02 -2.60 -15.23
N GLY A 56 -35.80 -2.75 -14.68
CA GLY A 56 -34.97 -1.61 -14.36
C GLY A 56 -34.66 -0.71 -15.53
N GLU A 57 -34.74 -1.24 -16.77
CA GLU A 57 -34.58 -0.38 -17.93
C GLU A 57 -35.81 0.51 -18.12
N ASP A 58 -37.00 -0.01 -17.82
CA ASP A 58 -38.19 0.83 -17.77
C ASP A 58 -38.12 1.81 -16.60
N LYS A 59 -37.71 1.31 -15.42
CA LYS A 59 -37.75 2.06 -14.17
C LYS A 59 -36.74 3.19 -14.11
N ILE A 60 -35.44 2.86 -14.08
CA ILE A 60 -34.38 3.83 -13.82
C ILE A 60 -33.54 4.00 -15.08
N LYS A 61 -33.08 5.24 -15.30
CA LYS A 61 -32.32 5.59 -16.49
C LYS A 61 -31.07 4.71 -16.60
N PHE A 62 -30.72 4.34 -17.83
CA PHE A 62 -29.55 3.49 -18.10
C PHE A 62 -28.69 4.06 -19.24
N LYS A 73 -26.82 -9.24 -26.86
CA LYS A 73 -25.82 -9.02 -25.84
C LYS A 73 -26.35 -9.37 -24.44
N GLU A 74 -25.77 -10.42 -23.85
CA GLU A 74 -26.24 -10.95 -22.58
C GLU A 74 -25.98 -9.96 -21.44
N VAL A 75 -26.50 -10.29 -20.26
CA VAL A 75 -26.63 -9.30 -19.21
C VAL A 75 -25.28 -8.94 -18.60
N ALA A 76 -24.50 -9.96 -18.18
CA ALA A 76 -23.25 -9.66 -17.49
C ALA A 76 -22.30 -8.84 -18.36
N ILE A 77 -22.38 -8.99 -19.69
CA ILE A 77 -21.51 -8.22 -20.55
C ILE A 77 -21.86 -6.74 -20.51
N ARG A 78 -23.11 -6.39 -20.78
CA ARG A 78 -23.44 -4.97 -20.84
C ARG A 78 -23.71 -4.35 -19.47
N ILE A 79 -23.69 -5.14 -18.40
CA ILE A 79 -23.38 -4.57 -17.08
C ILE A 79 -21.96 -4.03 -17.10
N PHE A 80 -21.02 -4.90 -17.47
CA PHE A 80 -19.62 -4.49 -17.61
C PHE A 80 -19.45 -3.35 -18.60
N GLN A 81 -20.30 -3.29 -19.63
CA GLN A 81 -20.18 -2.19 -20.59
C GLN A 81 -20.78 -0.90 -20.05
N GLY A 82 -21.95 -1.00 -19.42
CA GLY A 82 -22.55 0.18 -18.84
C GLY A 82 -21.61 0.75 -17.81
N CYS A 83 -21.25 -0.09 -16.84
CA CYS A 83 -20.29 0.29 -15.81
C CYS A 83 -18.99 0.83 -16.41
N GLN A 84 -18.62 0.36 -17.61
CA GLN A 84 -17.40 0.84 -18.25
C GLN A 84 -17.50 2.30 -18.62
N PHE A 85 -18.59 2.70 -19.28
CA PHE A 85 -18.77 4.10 -19.64
C PHE A 85 -18.93 4.97 -18.40
N ARG A 86 -19.45 4.39 -17.31
CA ARG A 86 -19.49 5.13 -16.05
C ARG A 86 -18.09 5.43 -15.55
N SER A 87 -17.17 4.47 -15.73
CA SER A 87 -15.78 4.73 -15.38
C SER A 87 -15.26 5.94 -16.15
N VAL A 88 -15.54 6.01 -17.45
CA VAL A 88 -15.00 7.09 -18.25
C VAL A 88 -15.42 8.43 -17.68
N GLU A 89 -16.72 8.58 -17.41
CA GLU A 89 -17.22 9.83 -16.85
C GLU A 89 -16.51 10.19 -15.55
N ALA A 90 -16.27 9.19 -14.69
CA ALA A 90 -15.56 9.44 -13.44
C ALA A 90 -14.18 10.02 -13.70
N VAL A 91 -13.45 9.44 -14.65
CA VAL A 91 -12.10 9.94 -14.95
C VAL A 91 -12.17 11.42 -15.27
N GLN A 92 -13.13 11.80 -16.12
CA GLN A 92 -13.32 13.21 -16.47
C GLN A 92 -13.51 14.06 -15.22
N GLU A 93 -14.32 13.58 -14.28
CA GLU A 93 -14.56 14.33 -13.05
C GLU A 93 -13.32 14.40 -12.20
N ILE A 94 -12.62 13.27 -12.03
CA ILE A 94 -11.38 13.34 -11.29
C ILE A 94 -10.40 14.25 -12.00
N THR A 95 -10.30 14.11 -13.34
CA THR A 95 -9.45 15.04 -14.07
C THR A 95 -9.86 16.46 -13.79
N GLU A 96 -11.17 16.73 -13.84
CA GLU A 96 -11.64 18.06 -13.48
C GLU A 96 -11.24 18.44 -12.06
N TYR A 97 -11.45 17.53 -11.10
CA TYR A 97 -11.03 17.82 -9.74
C TYR A 97 -9.54 18.12 -9.64
N ALA A 98 -8.70 17.35 -10.35
CA ALA A 98 -7.26 17.50 -10.23
C ALA A 98 -6.81 18.90 -10.58
N LYS A 99 -7.41 19.49 -11.63
CA LYS A 99 -7.01 20.83 -12.03
C LYS A 99 -7.22 21.83 -10.92
N SER A 100 -8.17 21.58 -10.04
CA SER A 100 -8.33 22.53 -8.97
C SER A 100 -7.27 22.39 -7.90
N ILE A 101 -6.38 21.40 -8.00
CA ILE A 101 -5.49 21.19 -6.87
C ILE A 101 -4.37 22.22 -6.97
N PRO A 102 -4.23 23.08 -5.99
CA PRO A 102 -3.22 24.13 -6.07
C PRO A 102 -1.85 23.58 -6.44
N GLY A 103 -1.39 23.92 -7.66
CA GLY A 103 -0.12 23.50 -8.15
C GLY A 103 -0.17 22.41 -9.21
N PHE A 104 -1.26 21.65 -9.27
CA PHE A 104 -1.23 20.51 -10.18
C PHE A 104 -1.04 20.95 -11.63
N VAL A 105 -1.70 22.02 -12.07
CA VAL A 105 -1.61 22.34 -13.50
C VAL A 105 -0.36 23.14 -13.86
N ASN A 106 0.37 23.60 -12.85
CA ASN A 106 1.67 24.21 -13.11
C ASN A 106 2.77 23.16 -13.29
N LEU A 107 2.53 21.91 -12.90
CA LEU A 107 3.56 20.90 -13.01
C LEU A 107 3.90 20.66 -14.47
N ASP A 108 4.97 19.89 -14.68
CA ASP A 108 5.30 19.44 -16.01
C ASP A 108 4.13 18.63 -16.59
N LEU A 109 3.88 18.84 -17.88
CA LEU A 109 2.72 18.24 -18.48
C LEU A 109 2.83 16.72 -18.57
N ASN A 110 4.04 16.19 -18.79
CA ASN A 110 4.20 14.74 -18.80
C ASN A 110 3.87 14.14 -17.45
N ASP A 111 4.17 14.86 -16.37
CA ASP A 111 3.87 14.35 -15.04
C ASP A 111 2.37 14.42 -14.74
N GLN A 112 1.72 15.54 -15.09
CA GLN A 112 0.28 15.64 -14.92
C GLN A 112 -0.42 14.42 -15.51
N VAL A 113 -0.10 14.10 -16.76
CA VAL A 113 -0.63 12.87 -17.34
C VAL A 113 -0.23 11.68 -16.48
N THR A 114 1.03 11.63 -16.07
CA THR A 114 1.50 10.51 -15.25
C THR A 114 0.68 10.36 -13.96
N LEU A 115 0.60 11.43 -13.16
CA LEU A 115 -0.14 11.36 -11.91
C LEU A 115 -1.58 10.93 -12.12
N LEU A 116 -2.21 11.36 -13.21
CA LEU A 116 -3.58 10.93 -13.49
C LEU A 116 -3.60 9.46 -13.83
N LYS A 117 -2.71 9.04 -14.73
CA LYS A 117 -2.68 7.66 -15.21
C LYS A 117 -2.76 6.65 -14.05
N TYR A 118 -2.02 6.90 -12.97
CA TYR A 118 -1.99 5.99 -11.82
C TYR A 118 -2.97 6.37 -10.72
N GLY A 119 -3.24 7.66 -10.53
CA GLY A 119 -4.12 8.08 -9.45
C GLY A 119 -5.57 7.70 -9.66
N VAL A 120 -6.00 7.60 -10.92
CA VAL A 120 -7.43 7.62 -11.25
C VAL A 120 -8.14 6.39 -10.73
N HIS A 121 -7.51 5.23 -10.79
CA HIS A 121 -8.22 4.07 -10.31
C HIS A 121 -8.22 4.01 -8.80
N GLU A 122 -7.13 4.42 -8.17
CA GLU A 122 -7.18 4.52 -6.72
C GLU A 122 -8.23 5.53 -6.26
N ILE A 123 -8.59 6.48 -7.12
CA ILE A 123 -9.64 7.42 -6.74
C ILE A 123 -11.04 6.87 -7.04
N ILE A 124 -11.19 6.09 -8.11
CA ILE A 124 -12.47 5.41 -8.37
C ILE A 124 -12.86 4.54 -7.19
N TYR A 125 -12.01 3.60 -6.80
CA TYR A 125 -12.47 2.68 -5.76
C TYR A 125 -12.67 3.42 -4.45
N THR A 126 -12.00 4.53 -4.26
CA THR A 126 -12.27 5.35 -3.08
C THR A 126 -13.65 5.98 -3.18
N MET A 127 -13.96 6.60 -4.32
CA MET A 127 -15.29 7.18 -4.51
C MET A 127 -16.37 6.12 -4.63
N LEU A 128 -16.04 4.95 -5.18
CA LEU A 128 -17.05 3.90 -5.30
C LEU A 128 -17.43 3.33 -3.94
N ALA A 129 -16.51 3.35 -2.98
CA ALA A 129 -16.85 2.95 -1.62
C ALA A 129 -18.01 3.78 -1.09
N SER A 130 -18.04 5.06 -1.43
CA SER A 130 -19.11 5.93 -0.96
C SER A 130 -20.47 5.40 -1.37
N LEU A 131 -20.54 4.62 -2.46
CA LEU A 131 -21.81 4.16 -3.00
C LEU A 131 -22.16 2.75 -2.57
N MET A 132 -21.47 2.21 -1.57
CA MET A 132 -21.57 0.81 -1.25
C MET A 132 -21.93 0.58 0.22
N ASN A 133 -22.68 -0.49 0.49
CA ASN A 133 -22.74 -1.02 1.85
C ASN A 133 -22.39 -2.49 1.79
N LYS A 134 -22.54 -3.19 2.91
CA LYS A 134 -22.24 -4.64 2.99
C LYS A 134 -23.18 -5.46 2.08
N ASP A 135 -24.19 -4.83 1.46
CA ASP A 135 -25.10 -5.56 0.59
C ASP A 135 -25.14 -5.15 -0.87
N GLY A 136 -24.53 -4.05 -1.28
CA GLY A 136 -24.65 -3.67 -2.67
C GLY A 136 -24.14 -2.27 -2.96
N VAL A 137 -24.47 -1.78 -4.15
CA VAL A 137 -23.89 -0.56 -4.67
C VAL A 137 -24.98 0.24 -5.35
N LEU A 138 -25.06 1.52 -5.04
CA LEU A 138 -25.90 2.40 -5.84
C LEU A 138 -25.46 2.38 -7.29
N ILE A 139 -26.41 2.44 -8.22
CA ILE A 139 -26.07 2.57 -9.63
C ILE A 139 -27.00 3.62 -10.23
N SER A 140 -26.68 4.04 -11.47
CA SER A 140 -27.48 5.06 -12.20
C SER A 140 -27.71 6.32 -11.36
N GLU A 141 -26.63 7.02 -10.99
CA GLU A 141 -26.72 8.27 -10.23
C GLU A 141 -27.55 8.17 -8.96
N GLY A 142 -27.71 6.98 -8.39
CA GLY A 142 -28.43 6.82 -7.16
C GLY A 142 -29.81 6.20 -7.32
N GLN A 143 -30.40 6.28 -8.51
CA GLN A 143 -31.76 5.79 -8.61
C GLN A 143 -31.86 4.26 -8.71
N GLY A 144 -30.74 3.55 -8.85
CA GLY A 144 -30.72 2.11 -8.76
C GLY A 144 -29.92 1.62 -7.54
N PHE A 145 -30.04 0.32 -7.29
CA PHE A 145 -29.20 -0.32 -6.26
C PHE A 145 -29.04 -1.76 -6.70
N MET A 146 -27.84 -2.13 -7.10
CA MET A 146 -27.54 -3.49 -7.51
C MET A 146 -26.91 -4.19 -6.33
N THR A 147 -27.47 -5.35 -5.96
CA THR A 147 -27.03 -6.05 -4.78
C THR A 147 -25.68 -6.72 -4.99
N ARG A 148 -24.96 -6.90 -3.89
CA ARG A 148 -23.68 -7.61 -3.94
C ARG A 148 -23.85 -9.02 -4.52
N GLU A 149 -24.84 -9.76 -4.00
CA GLU A 149 -25.03 -11.16 -4.37
C GLU A 149 -25.24 -11.31 -5.87
N PHE A 150 -26.19 -10.55 -6.42
CA PHE A 150 -26.46 -10.62 -7.84
C PHE A 150 -25.17 -10.51 -8.64
N LEU A 151 -24.34 -9.51 -8.31
CA LEU A 151 -23.06 -9.33 -8.99
C LEU A 151 -22.17 -10.54 -8.78
N LYS A 152 -22.02 -10.99 -7.52
CA LYS A 152 -21.17 -12.15 -7.25
C LYS A 152 -21.64 -13.39 -7.98
N SER A 153 -22.90 -13.42 -8.40
CA SER A 153 -23.45 -14.56 -9.12
C SER A 153 -23.34 -14.43 -10.63
N LEU A 154 -22.64 -13.43 -11.13
CA LEU A 154 -22.54 -13.34 -12.57
C LEU A 154 -21.54 -14.37 -13.09
N ARG A 155 -21.46 -14.45 -14.41
CA ARG A 155 -20.64 -15.45 -15.16
C ARG A 155 -19.19 -15.55 -14.69
N LYS A 156 -18.64 -16.75 -14.87
CA LYS A 156 -17.29 -17.25 -14.51
C LYS A 156 -16.26 -16.13 -14.38
N PRO A 157 -16.03 -15.25 -15.36
CA PRO A 157 -15.11 -14.14 -15.16
C PRO A 157 -15.68 -12.88 -14.48
N PHE A 158 -16.89 -12.46 -14.86
CA PHE A 158 -17.60 -11.24 -14.41
C PHE A 158 -18.24 -11.48 -13.05
N GLY A 159 -17.94 -12.63 -12.44
CA GLY A 159 -18.45 -12.96 -11.10
C GLY A 159 -17.39 -12.67 -10.05
N ASP A 160 -16.36 -11.92 -10.46
CA ASP A 160 -15.23 -11.55 -9.55
C ASP A 160 -14.83 -10.09 -9.76
N PHE A 161 -15.46 -9.36 -10.68
CA PHE A 161 -15.06 -7.96 -10.83
C PHE A 161 -15.29 -7.19 -9.53
N MET A 162 -16.54 -7.16 -9.06
CA MET A 162 -16.94 -6.20 -8.04
C MET A 162 -16.60 -6.65 -6.63
N GLU A 163 -16.49 -7.96 -6.41
CA GLU A 163 -16.34 -8.44 -5.03
C GLU A 163 -15.14 -7.87 -4.28
N PRO A 164 -13.94 -7.74 -4.86
CA PRO A 164 -12.84 -7.15 -4.08
C PRO A 164 -13.06 -5.69 -3.71
N LYS A 165 -13.62 -4.88 -4.63
CA LYS A 165 -13.97 -3.50 -4.28
C LYS A 165 -15.00 -3.48 -3.16
N PHE A 166 -15.92 -4.46 -3.14
CA PHE A 166 -16.83 -4.60 -2.00
C PHE A 166 -16.07 -4.81 -0.71
N GLU A 167 -15.02 -5.62 -0.75
CA GLU A 167 -14.36 -5.94 0.50
C GLU A 167 -13.56 -4.76 1.00
N PHE A 168 -12.95 -4.02 0.07
CA PHE A 168 -12.30 -2.77 0.43
C PHE A 168 -13.31 -1.78 0.97
N ALA A 169 -14.41 -1.60 0.22
CA ALA A 169 -15.37 -0.56 0.58
C ALA A 169 -15.89 -0.81 1.98
N VAL A 170 -16.12 -2.08 2.32
CA VAL A 170 -16.59 -2.39 3.67
C VAL A 170 -15.52 -2.02 4.69
N LYS A 171 -14.29 -2.46 4.45
CA LYS A 171 -13.21 -2.07 5.35
C LYS A 171 -13.04 -0.57 5.36
N PHE A 172 -13.09 0.06 4.18
CA PHE A 172 -12.78 1.49 4.08
C PHE A 172 -13.86 2.34 4.72
N ASN A 173 -15.13 2.03 4.45
CA ASN A 173 -16.22 2.82 5.02
C ASN A 173 -16.23 2.73 6.54
N ALA A 174 -15.47 1.79 7.12
CA ALA A 174 -15.31 1.73 8.57
C ALA A 174 -14.78 3.05 9.11
N LEU A 175 -13.91 3.71 8.34
CA LEU A 175 -13.24 4.90 8.86
C LEU A 175 -14.21 6.04 9.07
N GLU A 176 -15.38 5.99 8.43
CA GLU A 176 -16.44 6.98 8.62
C GLU A 176 -16.03 8.37 8.14
N LEU A 177 -15.36 8.43 7.00
CA LEU A 177 -14.96 9.72 6.48
C LEU A 177 -16.17 10.39 5.82
N ASP A 178 -16.18 11.73 5.80
CA ASP A 178 -17.19 12.41 4.99
C ASP A 178 -16.51 13.05 3.79
N ASP A 179 -17.32 13.71 2.95
CA ASP A 179 -16.82 14.26 1.70
C ASP A 179 -15.71 15.27 1.93
N SER A 180 -15.79 16.02 3.03
CA SER A 180 -14.76 17.02 3.29
C SER A 180 -13.44 16.38 3.68
N ASP A 181 -13.46 15.18 4.26
CA ASP A 181 -12.23 14.41 4.42
C ASP A 181 -11.78 13.84 3.09
N LEU A 182 -12.72 13.21 2.37
CA LEU A 182 -12.35 12.52 1.15
C LEU A 182 -11.67 13.46 0.17
N ALA A 183 -12.10 14.73 0.15
CA ALA A 183 -11.62 15.67 -0.85
C ALA A 183 -10.12 15.86 -0.73
N ILE A 184 -9.64 16.04 0.51
CA ILE A 184 -8.20 16.19 0.72
C ILE A 184 -7.48 14.89 0.42
N PHE A 185 -8.05 13.76 0.87
CA PHE A 185 -7.39 12.47 0.73
C PHE A 185 -7.31 12.06 -0.73
N ILE A 186 -8.36 12.38 -1.49
CA ILE A 186 -8.35 12.14 -2.93
C ILE A 186 -7.23 12.92 -3.57
N ALA A 187 -6.93 14.10 -3.01
CA ALA A 187 -5.87 14.93 -3.56
C ALA A 187 -4.52 14.35 -3.25
N VAL A 188 -4.36 13.82 -2.03
CA VAL A 188 -3.08 13.22 -1.63
C VAL A 188 -2.75 12.05 -2.54
N ILE A 189 -3.78 11.29 -2.95
CA ILE A 189 -3.56 10.17 -3.86
C ILE A 189 -2.96 10.67 -5.17
N ILE A 190 -3.54 11.73 -5.74
CA ILE A 190 -3.09 12.21 -7.04
C ILE A 190 -1.63 12.63 -6.97
N LEU A 191 -1.31 13.44 -5.96
CA LEU A 191 0.06 13.99 -5.76
C LEU A 191 0.98 12.93 -5.17
N SER A 192 1.19 11.82 -5.88
CA SER A 192 2.08 10.79 -5.39
C SER A 192 3.39 10.87 -6.17
N GLY A 193 4.46 11.33 -5.52
CA GLY A 193 5.76 11.32 -6.17
C GLY A 193 6.27 9.94 -6.51
N ASP A 194 5.80 8.90 -5.82
CA ASP A 194 6.32 7.57 -6.07
C ASP A 194 5.76 6.94 -7.34
N ARG A 195 5.06 7.69 -8.18
CA ARG A 195 4.57 7.08 -9.41
C ARG A 195 5.73 6.79 -10.35
N PRO A 196 5.65 5.70 -11.11
CA PRO A 196 6.71 5.37 -12.07
C PRO A 196 6.77 6.38 -13.22
N GLY A 197 7.98 6.82 -13.55
CA GLY A 197 8.17 7.66 -14.71
C GLY A 197 8.03 9.15 -14.49
N LEU A 198 7.93 9.59 -13.24
CA LEU A 198 7.78 11.00 -12.98
C LEU A 198 9.09 11.72 -13.24
N LEU A 199 9.04 12.74 -14.09
CA LEU A 199 10.22 13.55 -14.33
C LEU A 199 10.67 14.24 -13.04
N ASN A 200 9.92 15.21 -12.55
CA ASN A 200 10.34 16.02 -11.40
C ASN A 200 9.51 15.64 -10.18
N VAL A 201 9.90 14.53 -9.56
CA VAL A 201 9.24 14.08 -8.34
C VAL A 201 9.19 15.17 -7.28
N LYS A 202 10.16 16.09 -7.27
CA LYS A 202 10.32 16.93 -6.11
C LYS A 202 9.19 17.95 -5.94
N PRO A 203 8.82 18.76 -6.95
CA PRO A 203 7.69 19.69 -6.72
C PRO A 203 6.39 18.96 -6.42
N ILE A 204 6.22 17.75 -6.98
CA ILE A 204 5.07 16.93 -6.64
C ILE A 204 5.00 16.71 -5.14
N GLU A 205 6.14 16.52 -4.50
CA GLU A 205 6.14 16.15 -3.10
C GLU A 205 6.04 17.34 -2.18
N ASP A 206 6.36 18.55 -2.66
CA ASP A 206 6.04 19.72 -1.84
C ASP A 206 4.53 19.94 -1.79
N ILE A 207 3.84 19.69 -2.89
CA ILE A 207 2.40 19.80 -2.85
C ILE A 207 1.82 18.71 -1.96
N GLN A 208 2.25 17.47 -2.14
CA GLN A 208 1.66 16.42 -1.30
C GLN A 208 2.03 16.65 0.13
N ASP A 209 3.24 17.10 0.36
CA ASP A 209 3.61 17.43 1.74
C ASP A 209 2.61 18.39 2.35
N ASN A 210 2.15 19.37 1.55
CA ASN A 210 1.17 20.33 2.04
C ASN A 210 -0.21 19.68 2.22
N LEU A 211 -0.66 18.94 1.20
CA LEU A 211 -1.94 18.26 1.30
C LEU A 211 -1.98 17.35 2.52
N LEU A 212 -0.90 16.62 2.79
CA LEU A 212 -0.88 15.72 3.93
C LEU A 212 -0.96 16.49 5.24
N GLN A 213 -0.31 17.65 5.30
CA GLN A 213 -0.51 18.55 6.44
C GLN A 213 -1.98 18.96 6.56
N ALA A 214 -2.62 19.30 5.44
CA ALA A 214 -4.04 19.64 5.47
C ALA A 214 -4.88 18.47 5.96
N LEU A 215 -4.59 17.26 5.47
CA LEU A 215 -5.36 16.09 5.85
C LEU A 215 -5.27 15.86 7.35
N GLU A 216 -4.05 15.90 7.88
CA GLU A 216 -3.82 15.68 9.30
C GLU A 216 -4.67 16.61 10.15
N LEU A 217 -4.61 17.91 9.86
CA LEU A 217 -5.39 18.88 10.62
C LEU A 217 -6.88 18.59 10.47
N GLN A 218 -7.34 18.46 9.23
CA GLN A 218 -8.75 18.21 8.97
C GLN A 218 -9.25 16.98 9.72
N LEU A 219 -8.45 15.91 9.73
CA LEU A 219 -8.83 14.71 10.45
C LEU A 219 -8.92 14.97 11.95
N LYS A 220 -7.86 15.54 12.53
CA LYS A 220 -7.87 15.77 13.98
C LYS A 220 -9.05 16.63 14.40
N LEU A 221 -9.49 17.57 13.56
CA LEU A 221 -10.60 18.46 13.91
C LEU A 221 -11.96 17.84 13.60
N ASN A 222 -12.14 17.29 12.40
CA ASN A 222 -13.41 16.69 12.01
C ASN A 222 -13.70 15.40 12.75
N HIS A 223 -12.68 14.71 13.27
CA HIS A 223 -12.87 13.46 14.01
C HIS A 223 -12.02 13.47 15.26
N PRO A 224 -12.29 14.40 16.19
CA PRO A 224 -11.38 14.61 17.33
C PRO A 224 -11.21 13.42 18.24
N GLU A 225 -12.01 12.37 18.09
CA GLU A 225 -11.93 11.19 18.92
C GLU A 225 -11.33 9.99 18.19
N SER A 226 -11.14 10.09 16.88
CA SER A 226 -10.72 8.93 16.09
C SER A 226 -9.21 8.83 16.17
N SER A 227 -8.76 8.02 17.13
CA SER A 227 -7.33 7.88 17.39
C SER A 227 -6.62 7.37 16.14
N GLN A 228 -5.70 8.17 15.63
CA GLN A 228 -4.79 7.75 14.56
C GLN A 228 -5.52 7.48 13.24
N LEU A 229 -6.66 8.16 13.05
CA LEU A 229 -7.40 8.05 11.80
C LEU A 229 -6.50 8.39 10.62
N PHE A 230 -5.66 9.43 10.78
CA PHE A 230 -4.73 9.83 9.73
C PHE A 230 -3.84 8.68 9.32
N ALA A 231 -3.05 8.16 10.27
CA ALA A 231 -2.22 7.00 10.00
C ALA A 231 -3.05 5.86 9.43
N LYS A 232 -4.16 5.52 10.10
CA LYS A 232 -4.98 4.42 9.62
C LYS A 232 -5.44 4.66 8.18
N LEU A 233 -5.74 5.92 7.84
CA LEU A 233 -6.21 6.23 6.49
C LEU A 233 -5.09 6.13 5.45
N LEU A 234 -3.87 6.57 5.78
CA LEU A 234 -2.76 6.43 4.84
C LEU A 234 -2.52 4.95 4.49
N GLN A 235 -2.61 4.06 5.48
CA GLN A 235 -2.46 2.63 5.19
C GLN A 235 -3.51 2.14 4.20
N LYS A 236 -4.69 2.77 4.17
CA LYS A 236 -5.67 2.26 3.22
C LYS A 236 -5.22 2.45 1.78
N MET A 237 -4.20 3.30 1.54
CA MET A 237 -3.66 3.37 0.19
C MET A 237 -3.02 2.06 -0.21
N THR A 238 -2.61 1.23 0.76
CA THR A 238 -2.11 -0.10 0.44
C THR A 238 -3.20 -0.94 -0.19
N ASP A 239 -4.36 -1.05 0.48
CA ASP A 239 -5.48 -1.81 -0.06
C ASP A 239 -5.82 -1.34 -1.46
N LEU A 240 -5.77 -0.02 -1.68
CA LEU A 240 -6.19 0.51 -2.98
C LEU A 240 -5.28 -0.02 -4.08
N ARG A 241 -3.97 -0.01 -3.84
CA ARG A 241 -3.07 -0.45 -4.89
C ARG A 241 -3.27 -1.92 -5.23
N GLN A 242 -3.58 -2.74 -4.24
CA GLN A 242 -3.83 -4.15 -4.53
C GLN A 242 -5.12 -4.33 -5.33
N ILE A 243 -6.13 -3.49 -5.09
CA ILE A 243 -7.36 -3.57 -5.88
C ILE A 243 -7.05 -3.33 -7.35
N VAL A 244 -6.24 -2.32 -7.65
CA VAL A 244 -5.97 -1.98 -9.05
C VAL A 244 -5.27 -3.13 -9.77
N THR A 245 -4.32 -3.79 -9.11
CA THR A 245 -3.56 -4.85 -9.79
C THR A 245 -4.47 -6.04 -10.11
N GLU A 246 -5.27 -6.50 -9.14
CA GLU A 246 -6.20 -7.57 -9.46
C GLU A 246 -7.15 -7.14 -10.57
N HIS A 247 -7.58 -5.88 -10.52
CA HIS A 247 -8.46 -5.36 -11.56
C HIS A 247 -7.81 -5.51 -12.93
N VAL A 248 -6.63 -4.91 -13.12
CA VAL A 248 -6.01 -4.85 -14.45
C VAL A 248 -5.83 -6.26 -15.02
N GLN A 249 -5.29 -7.18 -14.21
CA GLN A 249 -5.04 -8.50 -14.76
C GLN A 249 -6.36 -9.21 -15.08
N LEU A 250 -7.38 -9.01 -14.26
CA LEU A 250 -8.64 -9.62 -14.61
C LEU A 250 -9.21 -8.98 -15.88
N LEU A 251 -8.85 -7.73 -16.13
CA LEU A 251 -9.30 -7.08 -17.36
C LEU A 251 -8.70 -7.73 -18.60
N GLN A 252 -7.44 -8.17 -18.53
CA GLN A 252 -6.83 -8.78 -19.70
C GLN A 252 -7.45 -10.13 -20.03
N VAL A 253 -8.05 -10.79 -19.02
CA VAL A 253 -8.87 -11.97 -19.30
C VAL A 253 -9.99 -11.63 -20.27
N ILE A 254 -10.74 -10.57 -19.96
CA ILE A 254 -11.91 -10.20 -20.75
C ILE A 254 -11.50 -9.87 -22.18
N LYS A 255 -10.44 -9.07 -22.34
CA LYS A 255 -9.86 -8.75 -23.65
C LYS A 255 -9.52 -10.00 -24.45
N LYS A 256 -9.34 -11.13 -23.78
CA LYS A 256 -9.01 -12.39 -24.44
C LYS A 256 -10.18 -13.37 -24.47
N THR A 257 -11.02 -13.37 -23.44
CA THR A 257 -12.27 -14.12 -23.52
C THR A 257 -13.13 -13.61 -24.67
N GLU A 258 -13.40 -12.31 -24.69
CA GLU A 258 -14.27 -11.66 -25.67
C GLU A 258 -13.44 -10.62 -26.42
N THR A 259 -12.84 -11.02 -27.54
CA THR A 259 -12.20 -10.06 -28.42
C THR A 259 -13.21 -9.29 -29.27
N ASP A 260 -14.47 -9.72 -29.28
CA ASP A 260 -15.54 -8.88 -29.82
C ASP A 260 -15.75 -7.62 -29.00
N MET A 261 -15.27 -7.59 -27.77
CA MET A 261 -15.57 -6.51 -26.84
C MET A 261 -14.48 -5.44 -26.88
N SER A 262 -14.92 -4.19 -26.83
CA SER A 262 -14.05 -3.03 -26.97
C SER A 262 -13.91 -2.29 -25.64
N LEU A 263 -12.69 -1.87 -25.34
CA LEU A 263 -12.43 -0.98 -24.21
C LEU A 263 -12.36 0.45 -24.72
N HIS A 264 -12.98 1.37 -23.99
CA HIS A 264 -12.97 2.78 -24.38
C HIS A 264 -11.54 3.30 -24.37
N PRO A 265 -11.13 4.11 -25.36
CA PRO A 265 -9.70 4.43 -25.49
C PRO A 265 -9.10 5.14 -24.29
N LEU A 266 -9.84 6.09 -23.68
CA LEU A 266 -9.30 6.81 -22.53
C LEU A 266 -9.00 5.85 -21.39
N LEU A 267 -9.83 4.82 -21.23
CA LEU A 267 -9.50 3.77 -20.27
C LEU A 267 -8.34 2.93 -20.76
N GLN A 268 -8.24 2.72 -22.08
CA GLN A 268 -7.16 1.92 -22.62
C GLN A 268 -5.81 2.61 -22.46
N GLU A 269 -5.77 3.95 -22.55
CA GLU A 269 -4.50 4.64 -22.35
C GLU A 269 -4.09 4.65 -20.88
N ILE A 270 -5.07 4.80 -19.99
CA ILE A 270 -4.78 4.77 -18.53
C ILE A 270 -4.20 3.40 -18.26
N TYR A 271 -4.73 2.39 -18.96
CA TYR A 271 -4.26 0.99 -18.79
C TYR A 271 -3.00 0.75 -19.61
N LYS A 272 -1.88 1.35 -19.18
CA LYS A 272 -0.58 1.20 -19.89
C LYS A 272 0.42 0.50 -18.97
N ASP A 273 1.73 0.74 -19.20
CA ASP A 273 2.79 0.11 -18.36
C ASP A 273 2.57 -1.40 -18.30
N GLU B 5 0.26 10.44 26.92
CA GLU B 5 1.25 11.29 27.58
C GLU B 5 2.60 11.15 26.90
N SER B 6 3.15 12.28 26.44
CA SER B 6 4.41 12.25 25.70
C SER B 6 5.56 11.62 26.49
N ALA B 7 5.48 11.65 27.82
CA ALA B 7 6.55 11.05 28.62
C ALA B 7 6.64 9.53 28.37
N ASP B 8 5.49 8.84 28.38
CA ASP B 8 5.50 7.38 28.24
C ASP B 8 5.78 6.96 26.81
N LEU B 9 5.30 7.71 25.83
CA LEU B 9 5.67 7.46 24.44
C LEU B 9 7.19 7.46 24.29
N ARG B 10 7.85 8.45 24.89
CA ARG B 10 9.31 8.47 24.84
C ARG B 10 9.92 7.26 25.53
N ALA B 11 9.24 6.74 26.56
CA ALA B 11 9.70 5.52 27.22
C ALA B 11 9.52 4.29 26.33
N LEU B 12 8.33 4.16 25.73
CA LEU B 12 8.09 3.10 24.76
C LEU B 12 9.16 3.12 23.67
N ALA B 13 9.49 4.30 23.15
CA ALA B 13 10.47 4.41 22.08
C ALA B 13 11.85 3.93 22.54
N LYS B 14 12.24 4.29 23.76
CA LYS B 14 13.52 3.81 24.27
C LYS B 14 13.47 2.31 24.54
N HIS B 15 12.36 1.82 25.06
CA HIS B 15 12.25 0.38 25.33
C HIS B 15 12.45 -0.42 24.05
N LEU B 16 11.70 -0.07 23.00
CA LEU B 16 11.83 -0.79 21.75
C LEU B 16 13.22 -0.67 21.15
N TYR B 17 13.80 0.53 21.19
CA TYR B 17 15.13 0.69 20.61
C TYR B 17 16.13 -0.22 21.32
N ASP B 18 16.04 -0.32 22.64
CA ASP B 18 16.94 -1.21 23.37
C ASP B 18 16.71 -2.67 23.00
N SER B 19 15.44 -3.05 22.84
CA SER B 19 15.15 -4.42 22.44
C SER B 19 15.63 -4.71 21.03
N TYR B 20 15.60 -3.71 20.18
CA TYR B 20 16.02 -3.90 18.81
C TYR B 20 17.52 -4.09 18.74
N ILE B 21 18.26 -3.36 19.58
CA ILE B 21 19.70 -3.57 19.68
C ILE B 21 20.01 -5.00 20.11
N LYS B 22 19.30 -5.50 21.11
CA LYS B 22 19.54 -6.90 21.47
C LYS B 22 19.15 -7.84 20.33
N SER B 23 17.99 -7.60 19.73
CA SER B 23 17.51 -8.61 18.79
C SER B 23 18.30 -8.62 17.48
N PHE B 24 18.82 -7.49 17.05
CA PHE B 24 19.42 -7.42 15.72
C PHE B 24 20.91 -7.11 15.78
N PRO B 25 21.76 -8.13 15.60
CA PRO B 25 23.20 -7.92 15.75
C PRO B 25 23.76 -6.80 14.87
N LEU B 26 23.47 -6.82 13.58
CA LEU B 26 24.00 -5.83 12.65
C LEU B 26 23.01 -4.66 12.53
N THR B 27 23.24 -3.60 13.30
CA THR B 27 22.36 -2.43 13.29
C THR B 27 22.51 -1.66 11.97
N LYS B 28 21.67 -0.63 11.78
CA LYS B 28 21.87 0.23 10.61
C LYS B 28 23.07 1.14 10.79
N ALA B 29 23.19 1.70 12.00
CA ALA B 29 24.39 2.45 12.36
C ALA B 29 25.64 1.67 11.98
N LYS B 30 25.68 0.39 12.35
CA LYS B 30 26.84 -0.43 12.05
C LYS B 30 26.99 -0.62 10.55
N ALA B 31 25.89 -0.92 9.85
CA ALA B 31 25.99 -1.18 8.42
C ALA B 31 26.44 0.05 7.67
N ARG B 32 25.91 1.22 8.04
CA ARG B 32 26.27 2.44 7.33
C ARG B 32 27.74 2.79 7.51
N ALA B 33 28.27 2.56 8.71
CA ALA B 33 29.70 2.73 8.92
C ALA B 33 30.50 1.91 7.92
N ILE B 34 30.16 0.63 7.83
CA ILE B 34 30.90 -0.28 6.97
C ILE B 34 30.84 0.19 5.51
N LEU B 35 29.70 0.73 5.08
CA LEU B 35 29.60 1.15 3.69
C LEU B 35 30.33 2.45 3.41
N THR B 36 30.74 3.21 4.45
CA THR B 36 31.22 4.58 4.27
C THR B 36 32.50 4.84 5.10
N GLY B 37 33.62 4.24 4.71
CA GLY B 37 34.86 4.44 5.44
C GLY B 37 34.96 3.65 6.73
N SER B 43 37.47 -3.91 6.93
CA SER B 43 37.14 -3.82 5.50
C SER B 43 36.54 -5.12 4.95
N PRO B 44 35.34 -5.01 4.40
CA PRO B 44 34.59 -6.19 3.98
C PRO B 44 34.91 -6.59 2.55
N PHE B 45 35.21 -7.87 2.38
CA PHE B 45 35.55 -8.39 1.07
C PHE B 45 34.40 -8.14 0.11
N VAL B 46 34.72 -7.78 -1.11
CA VAL B 46 33.72 -7.41 -2.09
C VAL B 46 33.59 -8.51 -3.13
N ILE B 47 32.37 -8.69 -3.63
CA ILE B 47 32.07 -9.74 -4.59
C ILE B 47 31.50 -9.06 -5.82
N TYR B 48 32.31 -8.93 -6.86
CA TYR B 48 31.92 -8.18 -8.05
C TYR B 48 31.76 -9.02 -9.30
N ASP B 49 32.30 -10.24 -9.31
CA ASP B 49 32.17 -11.15 -10.44
C ASP B 49 32.45 -12.57 -9.94
N MET B 50 32.63 -13.50 -10.88
CA MET B 50 32.69 -14.91 -10.50
C MET B 50 33.96 -15.22 -9.71
N ASN B 51 35.12 -14.73 -10.16
CA ASN B 51 36.36 -15.03 -9.46
C ASN B 51 36.31 -14.53 -8.02
N SER B 52 35.82 -13.31 -7.81
CA SER B 52 35.78 -12.77 -6.45
C SER B 52 34.86 -13.62 -5.57
N LEU B 53 33.79 -14.18 -6.14
CA LEU B 53 32.87 -14.96 -5.34
C LEU B 53 33.56 -16.20 -4.77
N MET B 54 34.08 -17.07 -5.63
CA MET B 54 34.62 -18.32 -5.11
C MET B 54 35.82 -18.05 -4.22
N MET B 55 36.49 -16.93 -4.45
CA MET B 55 37.48 -16.44 -3.50
C MET B 55 36.83 -16.20 -2.14
N GLY B 56 35.57 -15.72 -2.14
CA GLY B 56 34.91 -15.24 -0.93
C GLY B 56 34.47 -16.32 0.04
N GLU B 57 34.27 -17.55 -0.42
CA GLU B 57 34.03 -18.64 0.52
C GLU B 57 35.28 -18.92 1.35
N ASP B 58 36.47 -18.66 0.78
CA ASP B 58 37.72 -18.82 1.52
C ASP B 58 37.89 -17.71 2.56
N LYS B 59 37.62 -16.46 2.18
CA LYS B 59 37.71 -15.36 3.13
C LYS B 59 36.57 -15.47 4.14
N ILE B 60 35.34 -15.22 3.70
CA ILE B 60 34.15 -15.36 4.55
C ILE B 60 33.63 -16.78 4.40
N LYS B 61 33.74 -17.56 5.48
CA LYS B 61 33.26 -18.97 5.49
C LYS B 61 31.72 -18.98 5.44
N PHE B 62 31.14 -19.96 4.74
CA PHE B 62 29.67 -20.07 4.62
C PHE B 62 29.23 -21.53 4.83
N LYS B 63 28.04 -21.88 4.34
CA LYS B 63 27.51 -23.26 4.47
C LYS B 63 27.73 -24.02 3.16
N HIS B 64 27.22 -25.26 3.09
CA HIS B 64 27.38 -26.11 1.87
C HIS B 64 26.05 -26.14 1.10
N GLU B 74 25.64 -25.25 -9.09
CA GLU B 74 25.97 -23.99 -9.76
C GLU B 74 25.72 -22.76 -8.88
N VAL B 75 26.00 -21.57 -9.41
CA VAL B 75 26.26 -20.39 -8.59
C VAL B 75 25.01 -19.56 -8.36
N ALA B 76 24.25 -19.26 -9.42
CA ALA B 76 23.00 -18.53 -9.26
C ALA B 76 22.15 -19.15 -8.17
N ILE B 77 21.98 -20.47 -8.22
CA ILE B 77 21.16 -21.17 -7.25
C ILE B 77 21.80 -21.12 -5.86
N ARG B 78 23.13 -21.26 -5.80
CA ARG B 78 23.81 -21.28 -4.50
C ARG B 78 23.63 -19.96 -3.76
N ILE B 79 23.62 -18.84 -4.50
CA ILE B 79 23.42 -17.53 -3.88
C ILE B 79 21.98 -17.36 -3.44
N PHE B 80 21.04 -17.76 -4.29
CA PHE B 80 19.64 -17.77 -3.89
C PHE B 80 19.45 -18.53 -2.60
N GLN B 81 19.95 -19.76 -2.54
CA GLN B 81 19.69 -20.62 -1.38
C GLN B 81 20.24 -19.99 -0.11
N GLY B 82 21.52 -19.62 -0.12
CA GLY B 82 22.11 -19.00 1.04
C GLY B 82 21.39 -17.74 1.46
N CYS B 83 20.56 -17.26 0.56
CA CYS B 83 19.74 -16.09 0.87
C CYS B 83 18.61 -16.57 1.74
N GLN B 84 18.05 -17.73 1.44
CA GLN B 84 17.00 -18.29 2.29
C GLN B 84 17.52 -18.58 3.68
N PHE B 85 18.72 -19.15 3.79
CA PHE B 85 19.30 -19.39 5.10
C PHE B 85 19.21 -18.14 5.95
N ARG B 86 19.67 -17.02 5.41
CA ARG B 86 19.73 -15.79 6.19
C ARG B 86 18.32 -15.35 6.61
N SER B 87 17.34 -15.50 5.72
CA SER B 87 15.96 -15.13 6.03
C SER B 87 15.43 -15.91 7.22
N VAL B 88 15.64 -17.23 7.21
CA VAL B 88 15.30 -18.04 8.37
C VAL B 88 15.99 -17.50 9.61
N GLU B 89 17.28 -17.19 9.52
CA GLU B 89 17.93 -16.55 10.66
C GLU B 89 17.18 -15.29 11.05
N ALA B 90 16.82 -14.47 10.05
CA ALA B 90 16.16 -13.20 10.31
C ALA B 90 14.84 -13.41 11.02
N VAL B 91 14.05 -14.40 10.56
CA VAL B 91 12.75 -14.69 11.18
C VAL B 91 12.89 -14.90 12.69
N GLN B 92 13.93 -15.62 13.12
CA GLN B 92 14.09 -15.81 14.55
C GLN B 92 14.41 -14.50 15.25
N GLU B 93 15.23 -13.65 14.64
CA GLU B 93 15.51 -12.36 15.25
C GLU B 93 14.25 -11.53 15.39
N ILE B 94 13.40 -11.52 14.35
CA ILE B 94 12.19 -10.73 14.41
C ILE B 94 11.22 -11.29 15.44
N THR B 95 11.08 -12.63 15.50
CA THR B 95 10.24 -13.24 16.53
C THR B 95 10.71 -12.83 17.92
N GLU B 96 12.02 -12.87 18.13
CA GLU B 96 12.55 -12.51 19.44
C GLU B 96 12.29 -11.03 19.73
N TYR B 97 12.49 -10.17 18.73
CA TYR B 97 12.16 -8.75 18.92
C TYR B 97 10.67 -8.56 19.16
N ALA B 98 9.82 -9.21 18.35
CA ALA B 98 8.37 -9.09 18.49
C ALA B 98 7.92 -9.29 19.92
N LYS B 99 8.46 -10.29 20.60
CA LYS B 99 7.95 -10.57 21.92
C LYS B 99 8.32 -9.49 22.92
N SER B 100 9.32 -8.67 22.63
CA SER B 100 9.54 -7.56 23.53
C SER B 100 8.58 -6.40 23.32
N ILE B 101 7.65 -6.49 22.36
CA ILE B 101 6.70 -5.40 22.18
C ILE B 101 5.61 -5.49 23.24
N PRO B 102 5.45 -4.46 24.07
CA PRO B 102 4.49 -4.51 25.18
C PRO B 102 3.11 -4.97 24.73
N GLY B 103 2.57 -5.95 25.44
CA GLY B 103 1.31 -6.56 25.11
C GLY B 103 1.34 -7.56 23.98
N PHE B 104 2.50 -7.84 23.39
CA PHE B 104 2.46 -8.77 22.27
C PHE B 104 2.23 -10.18 22.75
N VAL B 105 3.03 -10.63 23.74
CA VAL B 105 2.91 -12.00 24.24
C VAL B 105 1.53 -12.21 24.86
N ASN B 106 0.90 -11.15 25.32
CA ASN B 106 -0.43 -11.29 25.87
C ASN B 106 -1.52 -11.51 24.82
N LEU B 107 -1.21 -11.45 23.54
CA LEU B 107 -2.32 -11.69 22.60
C LEU B 107 -2.53 -13.18 22.47
N ASP B 108 -3.68 -13.56 21.95
CA ASP B 108 -4.01 -14.97 21.64
C ASP B 108 -2.87 -15.58 20.83
N LEU B 109 -2.39 -16.74 21.23
CA LEU B 109 -1.21 -17.36 20.58
C LEU B 109 -1.41 -17.49 19.08
N ASN B 110 -2.59 -17.82 18.62
CA ASN B 110 -2.77 -17.94 17.17
C ASN B 110 -2.55 -16.59 16.51
N ASP B 111 -2.98 -15.52 17.15
CA ASP B 111 -2.85 -14.20 16.55
C ASP B 111 -1.37 -13.80 16.47
N GLN B 112 -0.60 -13.98 17.55
CA GLN B 112 0.84 -13.76 17.46
C GLN B 112 1.44 -14.50 16.27
N VAL B 113 1.09 -15.77 16.10
CA VAL B 113 1.62 -16.52 14.98
C VAL B 113 1.14 -15.91 13.67
N THR B 114 -0.07 -15.34 13.64
CA THR B 114 -0.58 -14.75 12.40
C THR B 114 0.12 -13.42 12.11
N LEU B 115 0.41 -12.64 13.14
CA LEU B 115 1.10 -11.37 12.93
C LEU B 115 2.51 -11.60 12.41
N LEU B 116 3.20 -12.62 12.92
CA LEU B 116 4.53 -12.92 12.44
C LEU B 116 4.49 -13.46 11.01
N LYS B 117 3.59 -14.42 10.75
CA LYS B 117 3.53 -15.06 9.44
C LYS B 117 3.50 -14.01 8.34
N TYR B 118 2.57 -13.07 8.43
CA TYR B 118 2.45 -12.05 7.40
C TYR B 118 3.38 -10.86 7.64
N GLY B 119 4.02 -10.76 8.79
CA GLY B 119 4.88 -9.63 9.00
C GLY B 119 6.36 -9.78 8.67
N VAL B 120 6.93 -11.00 8.78
CA VAL B 120 8.40 -11.10 8.73
C VAL B 120 8.92 -10.63 7.38
N HIS B 121 8.20 -10.94 6.31
CA HIS B 121 8.66 -10.47 5.01
C HIS B 121 8.75 -8.96 5.01
N GLU B 122 7.65 -8.27 5.32
CA GLU B 122 7.68 -6.83 5.28
C GLU B 122 8.82 -6.27 6.10
N ILE B 123 9.18 -6.94 7.20
CA ILE B 123 10.26 -6.43 8.04
C ILE B 123 11.63 -6.78 7.47
N ILE B 124 11.77 -7.94 6.84
CA ILE B 124 13.04 -8.30 6.26
C ILE B 124 13.47 -7.28 5.20
N TYR B 125 12.57 -6.93 4.28
CA TYR B 125 12.89 -5.96 3.24
C TYR B 125 13.15 -4.59 3.82
N THR B 126 12.40 -4.23 4.85
CA THR B 126 12.71 -2.99 5.54
C THR B 126 14.15 -2.99 6.04
N MET B 127 14.57 -4.08 6.66
CA MET B 127 15.90 -4.06 7.23
C MET B 127 16.97 -4.40 6.21
N LEU B 128 16.63 -5.14 5.15
CA LEU B 128 17.56 -5.24 4.04
C LEU B 128 17.91 -3.86 3.51
N ALA B 129 16.98 -2.91 3.56
CA ALA B 129 17.31 -1.56 3.09
C ALA B 129 18.50 -0.99 3.85
N SER B 130 18.55 -1.21 5.15
CA SER B 130 19.68 -0.74 5.94
C SER B 130 21.01 -1.33 5.47
N LEU B 131 21.02 -2.48 4.80
CA LEU B 131 22.29 -3.08 4.40
C LEU B 131 22.65 -2.80 2.95
N MET B 132 21.81 -2.05 2.25
CA MET B 132 21.97 -1.80 0.82
C MET B 132 22.33 -0.34 0.57
N ASN B 133 22.95 -0.12 -0.58
CA ASN B 133 22.99 1.19 -1.20
C ASN B 133 22.80 0.96 -2.68
N LYS B 134 22.99 2.04 -3.45
CA LYS B 134 22.95 2.00 -4.90
C LYS B 134 23.72 0.84 -5.49
N ASP B 135 24.89 0.52 -4.95
CA ASP B 135 25.89 -0.31 -5.61
C ASP B 135 25.98 -1.72 -5.07
N GLY B 136 25.17 -2.08 -4.08
CA GLY B 136 25.15 -3.46 -3.63
C GLY B 136 24.67 -3.56 -2.19
N VAL B 137 24.95 -4.72 -1.59
CA VAL B 137 24.34 -5.07 -0.31
C VAL B 137 25.39 -5.78 0.55
N LEU B 138 25.56 -5.32 1.79
CA LEU B 138 26.35 -6.11 2.72
C LEU B 138 25.75 -7.51 2.91
N ILE B 139 26.63 -8.47 3.15
CA ILE B 139 26.22 -9.83 3.36
C ILE B 139 27.04 -10.39 4.52
N SER B 140 26.62 -11.57 4.99
CA SER B 140 27.27 -12.33 6.10
C SER B 140 27.70 -11.42 7.26
N GLU B 141 26.73 -10.90 8.02
CA GLU B 141 27.00 -9.99 9.14
C GLU B 141 27.88 -8.81 8.73
N GLY B 142 27.91 -8.48 7.44
CA GLY B 142 28.71 -7.36 6.99
C GLY B 142 30.15 -7.70 6.64
N GLN B 143 30.57 -8.97 6.76
CA GLN B 143 31.88 -9.37 6.31
C GLN B 143 32.02 -9.18 4.81
N GLY B 144 30.93 -9.02 4.10
CA GLY B 144 30.95 -9.00 2.65
C GLY B 144 30.17 -7.83 2.09
N PHE B 145 30.26 -7.69 0.78
CA PHE B 145 29.50 -6.71 0.03
C PHE B 145 29.36 -7.28 -1.37
N MET B 146 28.13 -7.32 -1.85
CA MET B 146 27.79 -7.93 -3.12
C MET B 146 27.41 -6.80 -4.04
N THR B 147 28.22 -6.54 -5.06
CA THR B 147 27.85 -5.44 -5.94
C THR B 147 26.49 -5.72 -6.57
N ARG B 148 25.70 -4.66 -6.68
CA ARG B 148 24.42 -4.77 -7.33
C ARG B 148 24.57 -5.29 -8.76
N GLU B 149 25.72 -5.04 -9.38
CA GLU B 149 25.89 -5.38 -10.78
C GLU B 149 26.07 -6.88 -10.96
N PHE B 150 26.80 -7.51 -10.05
CA PHE B 150 27.00 -8.94 -10.15
C PHE B 150 25.69 -9.70 -9.99
N LEU B 151 24.78 -9.21 -9.13
CA LEU B 151 23.52 -9.92 -8.91
C LEU B 151 22.59 -9.86 -10.11
N LYS B 152 22.51 -8.71 -10.79
CA LYS B 152 21.72 -8.69 -12.01
C LYS B 152 22.44 -9.43 -13.14
N SER B 153 23.76 -9.55 -13.05
CA SER B 153 24.51 -10.38 -13.99
C SER B 153 24.11 -11.85 -13.92
N LEU B 154 23.39 -12.26 -12.88
CA LEU B 154 23.01 -13.65 -12.74
C LEU B 154 21.93 -14.02 -13.75
N ARG B 155 21.91 -15.29 -14.07
CA ARG B 155 20.97 -15.89 -15.04
C ARG B 155 19.52 -15.57 -14.71
N LYS B 156 18.71 -15.36 -15.74
CA LYS B 156 17.26 -15.27 -15.57
C LYS B 156 16.74 -16.52 -14.86
N PRO B 157 15.84 -16.38 -13.86
CA PRO B 157 15.28 -15.14 -13.32
C PRO B 157 16.06 -14.64 -12.12
N PHE B 158 17.19 -15.28 -11.84
CA PHE B 158 17.96 -14.97 -10.63
C PHE B 158 18.48 -13.53 -10.68
N GLY B 159 18.99 -13.11 -11.83
CA GLY B 159 19.45 -11.74 -12.04
C GLY B 159 18.39 -10.68 -11.78
N ASP B 160 17.12 -11.05 -11.71
CA ASP B 160 16.05 -10.09 -11.51
C ASP B 160 15.47 -10.11 -10.11
N PHE B 161 16.04 -10.90 -9.19
CA PHE B 161 15.40 -11.04 -7.88
C PHE B 161 15.66 -9.84 -6.98
N MET B 162 16.92 -9.55 -6.72
CA MET B 162 17.25 -8.46 -5.80
C MET B 162 17.16 -7.08 -6.42
N GLU B 163 16.96 -6.97 -7.75
CA GLU B 163 16.89 -5.66 -8.36
C GLU B 163 15.69 -4.84 -7.85
N PRO B 164 14.44 -5.37 -7.91
CA PRO B 164 13.32 -4.61 -7.31
C PRO B 164 13.55 -4.16 -5.89
N LYS B 165 14.28 -4.95 -5.10
CA LYS B 165 14.56 -4.53 -3.74
C LYS B 165 15.52 -3.36 -3.73
N PHE B 166 16.54 -3.39 -4.60
CA PHE B 166 17.49 -2.28 -4.63
C PHE B 166 16.77 -0.98 -4.87
N GLU B 167 15.77 -0.99 -5.77
CA GLU B 167 15.01 0.21 -6.07
C GLU B 167 14.19 0.66 -4.88
N PHE B 168 13.60 -0.29 -4.15
CA PHE B 168 12.86 0.08 -2.94
C PHE B 168 13.80 0.64 -1.88
N ALA B 169 14.95 -0.01 -1.70
CA ALA B 169 15.88 0.42 -0.66
C ALA B 169 16.36 1.84 -0.90
N VAL B 170 16.79 2.17 -2.13
CA VAL B 170 17.33 3.51 -2.34
C VAL B 170 16.26 4.55 -2.10
N LYS B 171 15.05 4.29 -2.59
CA LYS B 171 13.93 5.15 -2.21
C LYS B 171 13.80 5.18 -0.69
N PHE B 172 13.75 4.01 -0.05
CA PHE B 172 13.48 3.98 1.39
C PHE B 172 14.59 4.67 2.16
N ASN B 173 15.84 4.46 1.77
CA ASN B 173 16.93 5.02 2.53
C ASN B 173 16.96 6.53 2.43
N ALA B 174 16.32 7.06 1.39
CA ALA B 174 16.24 8.50 1.21
C ALA B 174 15.58 9.16 2.40
N LEU B 175 14.81 8.42 3.18
CA LEU B 175 14.17 9.04 4.33
C LEU B 175 15.13 9.20 5.50
N GLU B 176 16.33 8.62 5.39
CA GLU B 176 17.36 8.85 6.40
C GLU B 176 16.88 8.47 7.80
N LEU B 177 16.24 7.31 7.91
CA LEU B 177 15.84 6.79 9.21
C LEU B 177 17.02 6.15 9.93
N ASP B 178 17.05 6.29 11.25
CA ASP B 178 18.00 5.54 12.05
C ASP B 178 17.32 4.35 12.74
N ASP B 179 18.12 3.61 13.50
CA ASP B 179 17.62 2.41 14.16
C ASP B 179 16.49 2.75 15.13
N SER B 180 16.65 3.80 15.91
CA SER B 180 15.59 4.18 16.85
C SER B 180 14.27 4.47 16.14
N ASP B 181 14.32 5.07 14.94
CA ASP B 181 13.12 5.17 14.12
C ASP B 181 12.66 3.79 13.67
N LEU B 182 13.57 2.99 13.13
CA LEU B 182 13.18 1.71 12.59
C LEU B 182 12.59 0.83 13.67
N ALA B 183 13.15 0.91 14.89
CA ALA B 183 12.69 0.05 15.98
C ALA B 183 11.20 0.22 16.22
N ILE B 184 10.71 1.46 16.28
CA ILE B 184 9.26 1.65 16.41
C ILE B 184 8.55 1.29 15.11
N PHE B 185 9.08 1.74 13.98
CA PHE B 185 8.46 1.45 12.70
C PHE B 185 8.15 -0.03 12.55
N ILE B 186 9.13 -0.90 12.82
CA ILE B 186 8.83 -2.31 12.52
C ILE B 186 7.85 -2.87 13.53
N ALA B 187 7.81 -2.34 14.75
CA ALA B 187 6.76 -2.76 15.68
C ALA B 187 5.38 -2.51 15.08
N VAL B 188 5.20 -1.31 14.51
CA VAL B 188 3.99 -0.95 13.80
C VAL B 188 3.65 -1.99 12.74
N ILE B 189 4.67 -2.44 11.99
CA ILE B 189 4.41 -3.42 10.94
C ILE B 189 3.80 -4.69 11.55
N ILE B 190 4.34 -5.14 12.67
CA ILE B 190 3.93 -6.42 13.21
C ILE B 190 2.50 -6.34 13.68
N LEU B 191 2.15 -5.23 14.34
CA LEU B 191 0.81 -5.02 14.91
C LEU B 191 -0.20 -4.57 13.87
N SER B 192 -0.19 -5.19 12.70
CA SER B 192 -1.15 -4.89 11.65
C SER B 192 -2.45 -5.63 11.93
N GLY B 193 -3.54 -4.89 12.14
CA GLY B 193 -4.82 -5.51 12.40
C GLY B 193 -5.50 -6.10 11.20
N ASP B 194 -4.92 -6.01 10.00
CA ASP B 194 -5.57 -6.49 8.81
C ASP B 194 -4.97 -7.80 8.29
N ARG B 195 -4.23 -8.52 9.12
CA ARG B 195 -3.70 -9.80 8.66
C ARG B 195 -4.85 -10.80 8.59
N PRO B 196 -4.94 -11.59 7.54
CA PRO B 196 -6.01 -12.61 7.47
C PRO B 196 -5.97 -13.49 8.71
N GLY B 197 -7.15 -13.91 9.16
CA GLY B 197 -7.23 -14.92 10.20
C GLY B 197 -7.00 -14.40 11.60
N LEU B 198 -7.10 -13.11 11.84
CA LEU B 198 -6.91 -12.63 13.19
C LEU B 198 -8.20 -12.86 13.97
N LEU B 199 -8.04 -13.41 15.19
CA LEU B 199 -9.17 -13.74 16.05
C LEU B 199 -9.63 -12.59 16.93
N ASN B 200 -8.72 -11.74 17.41
CA ASN B 200 -9.12 -10.66 18.32
C ASN B 200 -8.36 -9.36 18.00
N VAL B 201 -8.92 -8.60 17.09
CA VAL B 201 -8.24 -7.42 16.51
C VAL B 201 -8.20 -6.20 17.43
N LYS B 202 -9.10 -6.13 18.40
CA LYS B 202 -9.20 -4.98 19.34
C LYS B 202 -7.82 -4.69 19.96
N PRO B 203 -7.19 -5.65 20.67
CA PRO B 203 -5.89 -5.43 21.31
C PRO B 203 -4.76 -5.14 20.30
N ILE B 204 -4.80 -5.83 19.15
CA ILE B 204 -3.77 -5.65 18.10
C ILE B 204 -3.77 -4.19 17.68
N GLU B 205 -4.93 -3.68 17.30
CA GLU B 205 -5.07 -2.27 16.90
C GLU B 205 -4.89 -1.36 18.11
N ASP B 206 -5.20 -1.81 19.30
CA ASP B 206 -4.92 -0.94 20.46
C ASP B 206 -3.41 -0.71 20.55
N ILE B 207 -2.60 -1.76 20.46
CA ILE B 207 -1.16 -1.63 20.54
C ILE B 207 -0.64 -0.79 19.38
N GLN B 208 -1.14 -1.02 18.17
CA GLN B 208 -0.61 -0.30 17.03
C GLN B 208 -0.75 1.20 17.20
N ASP B 209 -1.93 1.66 17.62
CA ASP B 209 -2.11 3.11 17.79
C ASP B 209 -1.11 3.68 18.78
N ASN B 210 -0.88 2.97 19.87
CA ASN B 210 0.19 3.35 20.79
C ASN B 210 1.53 3.43 20.06
N LEU B 211 1.88 2.37 19.37
CA LEU B 211 3.11 2.42 18.60
C LEU B 211 3.09 3.57 17.63
N LEU B 212 1.94 3.82 16.99
CA LEU B 212 1.86 4.91 16.03
C LEU B 212 2.12 6.24 16.69
N GLN B 213 1.56 6.43 17.89
CA GLN B 213 1.89 7.61 18.66
C GLN B 213 3.39 7.71 18.90
N ALA B 214 4.00 6.62 19.39
CA ALA B 214 5.41 6.70 19.72
C ALA B 214 6.22 7.03 18.48
N LEU B 215 5.79 6.53 17.33
CA LEU B 215 6.56 6.74 16.11
C LEU B 215 6.41 8.16 15.63
N GLU B 216 5.21 8.73 15.76
CA GLU B 216 4.97 10.10 15.35
C GLU B 216 5.84 11.08 16.14
N LEU B 217 5.88 10.92 17.46
CA LEU B 217 6.72 11.75 18.30
C LEU B 217 8.19 11.54 17.97
N GLN B 218 8.59 10.28 17.84
CA GLN B 218 9.98 9.95 17.55
C GLN B 218 10.47 10.68 16.30
N LEU B 219 9.76 10.48 15.19
CA LEU B 219 10.07 11.19 13.97
C LEU B 219 10.15 12.70 14.19
N LYS B 220 9.23 13.26 14.99
CA LYS B 220 9.24 14.70 15.20
C LYS B 220 10.50 15.12 15.92
N LEU B 221 10.73 14.61 17.14
CA LEU B 221 11.91 15.00 17.88
C LEU B 221 13.20 14.66 17.12
N ASN B 222 13.20 13.55 16.40
CA ASN B 222 14.46 13.10 15.81
C ASN B 222 14.70 13.66 14.42
N HIS B 223 13.68 14.24 13.78
CA HIS B 223 13.80 14.77 12.42
C HIS B 223 12.96 16.02 12.31
N PRO B 224 13.21 17.02 13.15
CA PRO B 224 12.29 18.17 13.19
C PRO B 224 12.17 18.86 11.84
N GLU B 225 13.26 18.90 11.09
CA GLU B 225 13.27 19.60 9.82
C GLU B 225 12.67 18.79 8.69
N SER B 226 12.25 17.55 8.93
CA SER B 226 11.72 16.68 7.87
C SER B 226 10.21 16.66 8.00
N SER B 227 9.52 17.38 7.12
CA SER B 227 8.08 17.58 7.28
C SER B 227 7.30 16.33 6.87
N GLN B 228 6.31 15.98 7.69
CA GLN B 228 5.37 14.92 7.33
C GLN B 228 6.08 13.60 7.05
N LEU B 229 7.27 13.43 7.62
CA LEU B 229 8.02 12.18 7.44
C LEU B 229 7.19 10.99 7.90
N PHE B 230 6.53 11.14 9.05
CA PHE B 230 5.54 10.18 9.51
C PHE B 230 4.66 9.71 8.37
N ALA B 231 4.00 10.66 7.71
CA ALA B 231 3.12 10.31 6.61
C ALA B 231 3.90 9.60 5.50
N LYS B 232 5.04 10.18 5.12
CA LYS B 232 5.81 9.60 4.02
C LYS B 232 6.23 8.19 4.37
N LEU B 233 6.59 7.96 5.64
CA LEU B 233 6.97 6.61 6.06
C LEU B 233 5.78 5.66 5.98
N LEU B 234 4.61 6.09 6.42
CA LEU B 234 3.47 5.19 6.34
C LEU B 234 3.15 4.86 4.89
N GLN B 235 3.49 5.77 3.98
CA GLN B 235 3.17 5.50 2.58
C GLN B 235 4.07 4.41 2.04
N LYS B 236 5.28 4.31 2.59
CA LYS B 236 6.20 3.28 2.14
C LYS B 236 5.64 1.90 2.44
N MET B 237 4.75 1.77 3.42
CA MET B 237 4.18 0.46 3.67
C MET B 237 3.34 -0.01 2.50
N THR B 238 2.93 0.91 1.64
CA THR B 238 2.41 0.49 0.35
C THR B 238 3.51 -0.17 -0.47
N ASP B 239 4.63 0.53 -0.65
CA ASP B 239 5.73 -0.04 -1.40
C ASP B 239 6.11 -1.42 -0.89
N LEU B 240 6.12 -1.61 0.45
CA LEU B 240 6.55 -2.89 1.02
C LEU B 240 5.62 -4.02 0.65
N ARG B 241 4.32 -3.86 0.92
CA ARG B 241 3.34 -4.89 0.60
C ARG B 241 3.30 -5.20 -0.88
N GLN B 242 3.54 -4.21 -1.74
CA GLN B 242 3.57 -4.50 -3.17
C GLN B 242 4.74 -5.44 -3.49
N ILE B 243 5.94 -5.10 -3.03
CA ILE B 243 7.11 -5.89 -3.39
C ILE B 243 7.06 -7.26 -2.70
N VAL B 244 6.41 -7.35 -1.53
CA VAL B 244 6.29 -8.65 -0.88
C VAL B 244 5.42 -9.59 -1.70
N THR B 245 4.26 -9.09 -2.14
CA THR B 245 3.46 -9.84 -3.10
C THR B 245 4.30 -10.26 -4.29
N GLU B 246 4.92 -9.30 -4.97
CA GLU B 246 5.69 -9.63 -6.16
C GLU B 246 6.87 -10.52 -5.83
N HIS B 247 7.32 -10.53 -4.58
CA HIS B 247 8.42 -11.42 -4.23
C HIS B 247 7.95 -12.86 -4.14
N VAL B 248 6.79 -13.09 -3.53
CA VAL B 248 6.34 -14.46 -3.38
C VAL B 248 6.05 -15.05 -4.76
N GLN B 249 5.51 -14.25 -5.67
CA GLN B 249 5.26 -14.79 -6.99
C GLN B 249 6.54 -15.05 -7.77
N LEU B 250 7.64 -14.37 -7.44
CA LEU B 250 8.89 -14.69 -8.11
C LEU B 250 9.49 -15.98 -7.58
N LEU B 251 9.32 -16.27 -6.29
CA LEU B 251 9.64 -17.60 -5.79
C LEU B 251 8.75 -18.66 -6.45
N GLN B 252 7.49 -18.33 -6.72
CA GLN B 252 6.55 -19.27 -7.32
C GLN B 252 6.63 -19.29 -8.84
N VAL B 253 7.78 -18.93 -9.40
CA VAL B 253 8.24 -19.41 -10.69
C VAL B 253 9.56 -20.16 -10.58
N ILE B 254 10.12 -20.25 -9.37
CA ILE B 254 11.28 -21.10 -9.08
C ILE B 254 10.84 -22.45 -8.48
N LYS B 255 9.55 -22.61 -8.15
CA LYS B 255 9.07 -23.97 -7.98
C LYS B 255 9.33 -24.78 -9.24
N LYS B 256 9.56 -24.10 -10.36
CA LYS B 256 9.97 -24.79 -11.62
C LYS B 256 11.47 -25.09 -11.47
N THR B 257 11.79 -26.03 -10.58
CA THR B 257 13.16 -26.40 -10.19
C THR B 257 13.33 -27.92 -10.06
N HIS B 264 18.77 -33.15 1.12
CA HIS B 264 17.84 -32.11 0.65
C HIS B 264 16.46 -32.18 1.32
N PRO B 265 15.87 -33.39 1.47
CA PRO B 265 14.50 -33.45 2.02
C PRO B 265 14.34 -32.75 3.36
N LEU B 266 15.32 -32.86 4.23
CA LEU B 266 15.24 -32.12 5.50
C LEU B 266 15.51 -30.64 5.27
N LEU B 267 16.47 -30.32 4.41
CA LEU B 267 16.74 -28.93 4.08
C LEU B 267 15.52 -28.22 3.51
N GLN B 268 14.80 -28.87 2.59
CA GLN B 268 13.58 -28.25 2.10
C GLN B 268 12.56 -28.12 3.23
N GLU B 269 12.61 -29.03 4.21
CA GLU B 269 11.73 -28.92 5.35
C GLU B 269 12.14 -27.76 6.24
N ILE B 270 13.43 -27.60 6.51
CA ILE B 270 13.84 -26.48 7.34
C ILE B 270 13.51 -25.16 6.65
N TYR B 271 13.55 -25.16 5.31
CA TYR B 271 13.25 -23.95 4.52
C TYR B 271 12.01 -24.20 3.65
N LYS B 272 10.82 -23.90 4.18
CA LYS B 272 9.55 -24.11 3.44
C LYS B 272 8.78 -22.78 3.39
C10 EEY C . -15.67 -2.80 -14.43
N12 EEY C . -15.67 -1.79 -15.47
C13 EEY C . -14.40 -1.24 -15.94
C15 EEY C . -12.58 -1.19 -17.52
C17 EEY C . -12.55 0.26 -15.74
C01 EEY C . -19.41 -4.41 -13.04
C02 EEY C . -19.02 -3.14 -12.67
C03 EEY C . -17.82 -2.61 -13.11
C04 EEY C . -17.00 -3.38 -13.94
C05 EEY C . -17.39 -4.65 -14.32
C06 EEY C . -18.59 -5.17 -13.87
C14 EEY C . -13.79 -1.72 -17.09
C18 EEY C . -13.76 -0.23 -15.25
N07 EEY C . -19.01 -6.51 -14.27
N16 EEY C . -12.00 -0.21 -16.84
O08 EEY C . -19.65 -7.34 -13.35
O09 EEY C . -18.74 -6.96 -15.56
O11 EEY C . -14.65 -3.19 -13.97
CAA 241 D . -15.08 8.81 -7.83
OAV 241 D . -15.71 8.74 -9.07
CBC 241 D . -16.65 7.79 -9.30
CAM 241 D . -16.48 6.51 -8.89
CAO 241 D . -17.45 5.60 -9.17
CAN 241 D . -17.78 8.12 -9.96
CAP 241 D . -18.73 7.19 -10.25
CBF 241 D . -18.57 5.92 -9.86
CAZ 241 D . -19.67 4.98 -10.18
OAE 241 D . -20.72 5.46 -10.27
NBK 241 D . -19.57 3.64 -10.34
CBB 241 D . -20.50 2.81 -9.91
CAB 241 D . -21.74 3.19 -9.22
CBI 241 D . -18.57 3.07 -10.91
CAR 241 D . -17.45 3.54 -11.48
CAQ 241 D . -16.58 2.64 -12.00
CBE 241 D . -16.81 1.30 -11.96
OAX 241 D . -15.90 0.52 -12.52
CBL 241 D . -14.93 -0.14 -11.84
FAI 241 D . -14.06 0.64 -11.31
FAG 241 D . -15.48 -0.85 -10.96
FAH 241 D . -14.39 -0.93 -12.67
CAT 241 D . -17.94 0.78 -11.42
CBH 241 D . -18.82 1.66 -10.88
CBG 241 D . -20.08 1.44 -10.22
CAU 241 D . -20.78 0.15 -9.91
CBA 241 D . -21.59 -0.30 -11.07
CAS 241 D . -21.97 0.58 -12.05
CAK 241 D . -21.94 -1.60 -11.17
CAJ 241 D . -22.68 -1.99 -12.26
CAL 241 D . -23.07 -1.12 -13.24
CBD 241 D . -22.72 0.16 -13.12
OAW 241 D . -23.02 1.04 -14.05
CBJ 241 D . -24.22 1.55 -14.49
CAC 241 D . -25.15 0.38 -14.51
CAY 241 D . -24.62 2.68 -13.61
OAD 241 D . -25.76 3.08 -13.65
OAF 241 D . -23.81 3.25 -12.88
C10 EEY E . 16.05 -14.69 -2.39
N12 EEY E . 16.00 -15.59 -1.22
C13 EEY E . 14.77 -15.94 -0.49
C15 EEY E . 13.10 -17.54 0.30
C17 EEY E . 12.84 -15.34 0.89
C01 EEY E . 19.76 -13.62 -4.40
C02 EEY E . 19.54 -13.24 -3.09
C03 EEY E . 18.34 -13.61 -2.48
C04 EEY E . 17.36 -14.34 -3.13
C05 EEY E . 17.59 -14.70 -4.45
C06 EEY E . 18.79 -14.36 -5.09
C14 EEY E . 14.26 -17.24 -0.41
C18 EEY E . 14.01 -14.98 0.20
N07 EEY E . 19.06 -14.73 -6.47
N16 EEY E . 12.40 -16.59 0.93
O08 EEY E . 20.40 -14.84 -6.90
O09 EEY E . 18.03 -15.00 -7.39
O11 EEY E . 15.05 -14.19 -2.77
CAA 241 F . 16.39 -8.75 10.63
OAV 241 F . 16.21 -8.79 9.22
CBC 241 F . 17.25 -9.15 8.41
CAM 241 F . 17.24 -8.78 7.07
CAO 241 F . 18.29 -9.15 6.24
CAN 241 F . 18.32 -9.88 8.92
CAP 241 F . 19.37 -10.24 8.09
CBF 241 F . 19.36 -9.87 6.75
CAZ 241 F . 20.50 -10.27 5.85
OAE 241 F . 21.62 -10.39 6.30
NBK 241 F . 20.27 -10.48 4.52
CBB 241 F . 21.16 -10.11 3.60
CAB 241 F . 22.49 -9.45 3.82
CBI 241 F . 19.15 -11.07 4.11
CAR 241 F . 18.00 -11.57 4.71
CAQ 241 F . 17.02 -12.13 3.90
CBE 241 F . 17.13 -12.18 2.50
OAX 241 F . 16.12 -12.74 1.77
CBL 241 F . 15.28 -11.91 0.96
FAI 241 F . 15.20 -10.71 1.48
FAG 241 F . 15.79 -11.83 -0.26
FAH 241 F . 14.07 -12.45 0.89
CAT 241 F . 18.25 -11.68 1.85
CBH 241 F . 19.26 -11.12 2.63
CBG 241 F . 20.57 -10.52 2.28
CAU 241 F . 21.17 -10.33 0.91
CBA 241 F . 21.94 -11.56 0.52
CAS 241 F . 22.13 -12.58 1.45
CAK 241 F . 22.47 -11.69 -0.77
CAJ 241 F . 23.19 -12.82 -1.12
CAL 241 F . 23.38 -13.84 -0.19
CBD 241 F . 22.85 -13.73 1.09
OAW 241 F . 23.04 -14.72 2.01
CBJ 241 F . 24.22 -14.74 2.81
CAC 241 F . 25.39 -14.21 2.00
CAY 241 F . 24.02 -13.89 4.03
OAD 241 F . 23.65 -12.70 3.86
OAF 241 F . 24.23 -14.38 5.15
#